data_1H72
#
_entry.id   1H72
#
_cell.length_a   87.990
_cell.length_b   87.990
_cell.length_c   99.300
_cell.angle_alpha   90.00
_cell.angle_beta   90.00
_cell.angle_gamma   90.00
#
_symmetry.space_group_name_H-M   'P 43 21 2'
#
loop_
_entity.id
_entity.type
_entity.pdbx_description
1 polymer 'HOMOSERINE KINASE'
2 non-polymer L-HOMOSERINE
3 non-polymer 'PHOSPHOAMINOPHOSPHONIC ACID-ADENYLATE ESTER'
4 non-polymer 2-AMINO-2-HYDROXYMETHYL-PROPANE-1,3-DIOL
5 water water
#
_entity_poly.entity_id   1
_entity_poly.type   'polypeptide(L)'
_entity_poly.pdbx_seq_one_letter_code
;MKVRVKAPCTSANLGVGFDVFGLCLKEPYDVIEVEAIDDKEIIIEVDDKNIPTDPDKNVAGIVAKKMIDDFNIGKGVKIT
IKKGVKAGSGLGSSAASSAGTAYAINELFKLNLDKLKLVDYASYGELASSGAKHADNVAPAIFGGFTMVTNYEPLEVLHI
PIDFKLDILIAIPNISINTKEAREILPKAVGLKDLVNNVGKACGMVYALYNKDKSLFGRYMMSDKVIEPVRGKLIPNYFK
IKEEVKDKVYGITISGSGPSIIAFPKEEFIDEVENILRDYYENTIRTEVGKGVEVV
;
_entity_poly.pdbx_strand_id   C
#
# COMPACT_ATOMS: atom_id res chain seq x y z
N MET A 1 -13.30 -25.03 4.51
CA MET A 1 -12.01 -25.75 4.32
C MET A 1 -10.87 -24.73 4.10
N LYS A 2 -10.65 -24.26 2.87
CA LYS A 2 -9.52 -23.32 2.59
C LYS A 2 -9.80 -22.27 1.53
N VAL A 3 -9.11 -21.13 1.64
CA VAL A 3 -9.25 -20.05 0.68
C VAL A 3 -7.83 -19.52 0.46
N ARG A 4 -7.44 -19.33 -0.79
CA ARG A 4 -6.10 -18.79 -1.05
C ARG A 4 -6.25 -17.51 -1.87
N VAL A 5 -5.50 -16.47 -1.52
CA VAL A 5 -5.67 -15.23 -2.27
C VAL A 5 -4.30 -14.61 -2.58
N LYS A 6 -4.29 -13.70 -3.56
CA LYS A 6 -3.11 -12.88 -3.82
C LYS A 6 -3.57 -11.52 -3.28
N ALA A 7 -2.75 -10.90 -2.42
CA ALA A 7 -3.13 -9.64 -1.76
C ALA A 7 -1.99 -8.70 -2.20
N PRO A 8 -2.34 -7.67 -2.98
CA PRO A 8 -1.33 -6.76 -3.49
C PRO A 8 -0.70 -5.70 -2.64
N CYS A 9 0.54 -5.41 -3.02
CA CYS A 9 1.27 -4.30 -2.46
C CYS A 9 0.49 -3.06 -2.97
N THR A 10 0.69 -1.93 -2.30
CA THR A 10 -0.05 -0.71 -2.63
C THR A 10 0.91 0.44 -2.36
N SER A 11 0.68 1.59 -2.99
N SER A 11 0.68 1.59 -2.99
CA SER A 11 1.54 2.75 -2.78
CA SER A 11 1.53 2.76 -2.80
C SER A 11 0.67 3.85 -2.18
C SER A 11 0.66 3.85 -2.17
N ALA A 12 0.94 4.19 -0.93
CA ALA A 12 0.17 5.23 -0.25
C ALA A 12 0.84 6.60 -0.40
N ASN A 13 0.08 7.63 -0.07
CA ASN A 13 0.45 9.05 -0.07
C ASN A 13 0.43 9.72 -1.40
N LEU A 14 1.25 9.20 -2.32
CA LEU A 14 1.36 9.79 -3.64
C LEU A 14 1.56 11.30 -3.50
N GLY A 15 2.55 11.67 -2.70
CA GLY A 15 2.86 13.08 -2.56
C GLY A 15 1.87 13.84 -1.73
N VAL A 16 1.08 14.69 -2.37
CA VAL A 16 0.16 15.55 -1.64
C VAL A 16 -1.04 14.82 -1.04
N GLY A 17 -1.18 13.55 -1.33
CA GLY A 17 -2.30 12.76 -0.79
C GLY A 17 -1.94 12.03 0.50
N PHE A 18 -0.91 12.53 1.17
CA PHE A 18 -0.45 11.94 2.43
C PHE A 18 -1.58 11.55 3.38
N ASP A 19 -1.59 10.27 3.74
CA ASP A 19 -2.53 9.67 4.66
C ASP A 19 -3.94 9.56 4.11
N VAL A 20 -4.08 9.86 2.82
CA VAL A 20 -5.40 9.80 2.20
C VAL A 20 -5.40 8.91 0.97
N PHE A 21 -4.52 9.21 0.02
CA PHE A 21 -4.48 8.51 -1.25
C PHE A 21 -3.82 7.14 -1.18
N GLY A 22 -4.27 6.22 -2.04
CA GLY A 22 -3.62 4.93 -2.12
C GLY A 22 -3.80 4.43 -3.54
N LEU A 23 -2.80 3.74 -4.09
CA LEU A 23 -2.91 3.20 -5.43
C LEU A 23 -2.55 1.71 -5.36
N CYS A 24 -3.45 0.86 -5.82
CA CYS A 24 -3.22 -0.58 -5.78
C CYS A 24 -2.28 -1.00 -6.90
N LEU A 25 -1.29 -1.83 -6.57
CA LEU A 25 -0.37 -2.29 -7.61
C LEU A 25 -0.80 -3.71 -7.98
N LYS A 26 -0.38 -4.16 -9.15
CA LYS A 26 -0.71 -5.53 -9.59
C LYS A 26 0.33 -6.48 -8.98
N GLU A 27 1.56 -5.99 -8.82
CA GLU A 27 2.68 -6.74 -8.23
C GLU A 27 3.56 -5.78 -7.44
N PRO A 28 4.26 -6.27 -6.40
CA PRO A 28 4.30 -7.65 -5.89
C PRO A 28 3.02 -7.88 -5.10
N TYR A 29 2.88 -9.09 -4.57
CA TYR A 29 1.73 -9.39 -3.75
C TYR A 29 2.06 -10.56 -2.84
N ASP A 30 1.29 -10.69 -1.77
CA ASP A 30 1.46 -11.82 -0.89
C ASP A 30 0.53 -12.92 -1.43
N VAL A 31 0.92 -14.17 -1.25
CA VAL A 31 0.01 -15.28 -1.58
C VAL A 31 -0.33 -15.80 -0.18
N ILE A 32 -1.62 -15.77 0.17
CA ILE A 32 -2.02 -16.14 1.52
C ILE A 32 -3.09 -17.21 1.46
N GLU A 33 -2.93 -18.28 2.22
CA GLU A 33 -3.96 -19.32 2.22
C GLU A 33 -4.46 -19.41 3.66
N VAL A 34 -5.77 -19.52 3.83
CA VAL A 34 -6.35 -19.61 5.17
C VAL A 34 -7.16 -20.88 5.18
N GLU A 35 -6.93 -21.72 6.16
CA GLU A 35 -7.63 -23.00 6.26
C GLU A 35 -8.36 -23.05 7.60
N ALA A 36 -9.64 -23.37 7.62
CA ALA A 36 -10.34 -23.44 8.90
C ALA A 36 -9.81 -24.70 9.61
N ILE A 37 -9.57 -24.62 10.92
CA ILE A 37 -9.11 -25.78 11.67
C ILE A 37 -9.99 -25.90 12.92
N ASP A 38 -10.08 -27.11 13.46
CA ASP A 38 -10.93 -27.33 14.63
C ASP A 38 -10.42 -26.69 15.90
N ASP A 39 -9.13 -26.78 16.17
CA ASP A 39 -8.60 -26.15 17.38
C ASP A 39 -8.87 -24.66 17.22
N LYS A 40 -9.27 -24.02 18.32
CA LYS A 40 -9.57 -22.60 18.31
C LYS A 40 -8.32 -21.78 18.58
N GLU A 41 -7.35 -21.93 17.69
CA GLU A 41 -6.10 -21.21 17.78
C GLU A 41 -5.81 -20.71 16.36
N ILE A 42 -4.89 -19.75 16.26
CA ILE A 42 -4.51 -19.22 14.97
C ILE A 42 -3.06 -19.58 14.77
N ILE A 43 -2.77 -20.34 13.73
CA ILE A 43 -1.41 -20.78 13.47
C ILE A 43 -0.91 -20.06 12.23
N ILE A 44 0.27 -19.47 12.31
CA ILE A 44 0.81 -18.77 11.16
C ILE A 44 2.16 -19.30 10.68
N GLU A 45 2.27 -19.46 9.37
CA GLU A 45 3.52 -19.89 8.72
C GLU A 45 3.81 -18.79 7.70
N VAL A 46 5.05 -18.32 7.69
CA VAL A 46 5.42 -17.27 6.77
C VAL A 46 6.83 -17.57 6.25
N ASP A 47 7.05 -17.32 4.96
CA ASP A 47 8.33 -17.65 4.37
C ASP A 47 9.49 -16.71 4.69
N ASP A 48 9.18 -15.52 5.15
CA ASP A 48 10.18 -14.53 5.51
C ASP A 48 10.48 -14.69 6.98
N LYS A 49 11.72 -15.07 7.31
CA LYS A 49 12.11 -15.32 8.69
C LYS A 49 12.12 -14.08 9.58
N ASN A 50 12.00 -12.90 9.00
CA ASN A 50 11.97 -11.68 9.81
C ASN A 50 10.55 -11.28 10.18
N ILE A 51 9.56 -12.06 9.75
CA ILE A 51 8.16 -11.74 10.07
C ILE A 51 7.71 -12.71 11.15
N PRO A 52 7.12 -12.20 12.24
CA PRO A 52 6.69 -13.10 13.31
C PRO A 52 5.57 -14.08 12.96
N THR A 53 5.62 -15.24 13.61
CA THR A 53 4.61 -16.25 13.43
C THR A 53 3.62 -16.16 14.62
N ASP A 54 3.98 -15.41 15.65
CA ASP A 54 3.07 -15.21 16.81
C ASP A 54 1.79 -14.54 16.24
N PRO A 55 0.59 -15.14 16.43
CA PRO A 55 -0.66 -14.58 15.90
C PRO A 55 -1.08 -13.24 16.47
N ASP A 56 -0.49 -12.87 17.60
CA ASP A 56 -0.77 -11.58 18.19
C ASP A 56 0.18 -10.53 17.67
N LYS A 57 1.18 -10.96 16.92
CA LYS A 57 2.14 -10.03 16.34
C LYS A 57 2.04 -9.99 14.79
N ASN A 58 1.79 -11.12 14.15
CA ASN A 58 1.66 -11.08 12.68
C ASN A 58 0.30 -10.43 12.40
N VAL A 59 0.26 -9.42 11.53
CA VAL A 59 -1.00 -8.75 11.27
C VAL A 59 -2.09 -9.70 10.77
N ALA A 60 -1.71 -10.76 10.07
CA ALA A 60 -2.72 -11.71 9.58
C ALA A 60 -3.47 -12.34 10.77
N GLY A 61 -2.72 -12.63 11.85
CA GLY A 61 -3.33 -13.22 13.05
C GLY A 61 -4.19 -12.21 13.81
N ILE A 62 -3.76 -10.96 13.81
CA ILE A 62 -4.50 -9.92 14.51
C ILE A 62 -5.85 -9.71 13.83
N VAL A 63 -5.81 -9.60 12.50
CA VAL A 63 -7.04 -9.41 11.75
C VAL A 63 -7.95 -10.64 11.87
N ALA A 64 -7.38 -11.84 11.71
CA ALA A 64 -8.21 -13.05 11.77
C ALA A 64 -8.90 -13.18 13.14
N LYS A 65 -8.13 -12.94 14.21
CA LYS A 65 -8.71 -13.05 15.55
C LYS A 65 -9.86 -12.06 15.74
N LYS A 66 -9.68 -10.81 15.33
CA LYS A 66 -10.72 -9.81 15.48
C LYS A 66 -12.01 -10.26 14.74
N MET A 67 -11.86 -10.76 13.52
CA MET A 67 -13.01 -11.20 12.74
C MET A 67 -13.64 -12.44 13.34
N ILE A 68 -12.80 -13.40 13.72
CA ILE A 68 -13.33 -14.62 14.29
C ILE A 68 -14.12 -14.28 15.57
N ASP A 69 -13.56 -13.45 16.43
CA ASP A 69 -14.28 -13.09 17.67
C ASP A 69 -15.53 -12.28 17.36
N ASP A 70 -15.43 -11.31 16.45
CA ASP A 70 -16.59 -10.48 16.16
C ASP A 70 -17.77 -11.22 15.62
N PHE A 71 -17.52 -12.33 14.93
CA PHE A 71 -18.64 -13.10 14.39
C PHE A 71 -18.89 -14.39 15.13
N ASN A 72 -18.32 -14.52 16.32
CA ASN A 72 -18.49 -15.73 17.11
C ASN A 72 -18.21 -16.96 16.26
N ILE A 73 -17.19 -16.89 15.42
CA ILE A 73 -16.88 -18.04 14.57
C ILE A 73 -16.30 -19.10 15.52
N GLY A 74 -16.67 -20.35 15.40
CA GLY A 74 -16.09 -21.20 16.43
C GLY A 74 -14.86 -21.97 16.01
N LYS A 75 -14.18 -21.51 14.97
CA LYS A 75 -13.01 -22.24 14.49
C LYS A 75 -11.72 -21.45 14.58
N GLY A 76 -10.62 -22.17 14.41
CA GLY A 76 -9.34 -21.50 14.39
C GLY A 76 -8.99 -21.47 12.92
N VAL A 77 -7.83 -20.92 12.57
CA VAL A 77 -7.42 -20.96 11.17
C VAL A 77 -5.91 -21.17 11.13
N LYS A 78 -5.45 -21.85 10.09
CA LYS A 78 -4.00 -21.98 9.87
C LYS A 78 -3.77 -21.01 8.69
N ILE A 79 -2.85 -20.07 8.84
CA ILE A 79 -2.62 -19.08 7.78
C ILE A 79 -1.20 -19.25 7.27
N THR A 80 -1.06 -19.47 5.97
N THR A 80 -1.05 -19.48 5.97
CA THR A 80 0.25 -19.63 5.37
CA THR A 80 0.28 -19.62 5.39
C THR A 80 0.51 -18.44 4.46
C THR A 80 0.51 -18.43 4.49
N ILE A 81 1.63 -17.77 4.69
CA ILE A 81 1.94 -16.58 3.92
C ILE A 81 3.23 -16.68 3.14
N LYS A 82 3.17 -16.35 1.85
CA LYS A 82 4.37 -16.27 1.04
C LYS A 82 4.42 -14.79 0.67
N LYS A 83 5.42 -14.10 1.21
CA LYS A 83 5.57 -12.65 1.03
C LYS A 83 5.98 -12.16 -0.35
N GLY A 84 5.33 -11.09 -0.78
CA GLY A 84 5.67 -10.52 -2.07
C GLY A 84 6.91 -9.67 -1.88
N VAL A 85 6.96 -8.91 -0.79
CA VAL A 85 8.10 -8.03 -0.51
C VAL A 85 8.26 -7.92 1.00
N LYS A 86 9.47 -7.61 1.44
CA LYS A 86 9.73 -7.47 2.86
C LYS A 86 8.94 -6.33 3.51
N ALA A 87 8.84 -6.41 4.83
CA ALA A 87 8.20 -5.37 5.57
C ALA A 87 9.13 -4.15 5.51
N GLY A 88 8.57 -2.98 5.78
CA GLY A 88 9.32 -1.73 5.82
C GLY A 88 9.84 -1.29 4.47
N SER A 89 9.15 -1.66 3.40
N SER A 89 9.14 -1.65 3.40
CA SER A 89 9.61 -1.27 2.07
CA SER A 89 9.58 -1.31 2.06
C SER A 89 8.84 -0.10 1.50
C SER A 89 8.83 -0.11 1.50
N GLY A 90 7.73 0.26 2.14
CA GLY A 90 6.94 1.39 1.66
C GLY A 90 5.94 0.92 0.61
N LEU A 91 5.80 -0.39 0.47
CA LEU A 91 4.88 -1.00 -0.53
C LEU A 91 3.65 -1.69 0.10
N GLY A 92 3.34 -1.32 1.33
CA GLY A 92 2.16 -1.90 2.00
C GLY A 92 2.27 -3.40 2.21
N SER A 93 3.47 -3.88 2.56
CA SER A 93 3.66 -5.32 2.78
C SER A 93 2.71 -5.84 3.87
N SER A 94 2.70 -5.19 5.03
N SER A 94 2.69 -5.18 5.01
CA SER A 94 1.84 -5.68 6.10
CA SER A 94 1.84 -5.58 6.14
C SER A 94 0.36 -5.50 5.73
C SER A 94 0.38 -5.48 5.74
N ALA A 95 0.04 -4.40 5.05
CA ALA A 95 -1.34 -4.15 4.60
C ALA A 95 -1.77 -5.27 3.64
N ALA A 96 -0.83 -5.80 2.84
CA ALA A 96 -1.18 -6.89 1.95
C ALA A 96 -1.63 -8.09 2.81
N SER A 97 -0.87 -8.42 3.85
CA SER A 97 -1.25 -9.51 4.72
C SER A 97 -2.54 -9.20 5.48
N SER A 98 -2.73 -7.96 5.93
CA SER A 98 -3.95 -7.63 6.65
C SER A 98 -5.20 -7.71 5.79
N ALA A 99 -5.13 -7.09 4.63
CA ALA A 99 -6.22 -7.05 3.68
C ALA A 99 -6.49 -8.45 3.11
N GLY A 100 -5.43 -9.17 2.75
CA GLY A 100 -5.60 -10.50 2.17
C GLY A 100 -6.27 -11.37 3.20
N THR A 101 -5.84 -11.22 4.46
CA THR A 101 -6.46 -12.04 5.51
C THR A 101 -7.93 -11.66 5.71
N ALA A 102 -8.23 -10.35 5.76
CA ALA A 102 -9.63 -9.95 5.99
C ALA A 102 -10.51 -10.57 4.88
N TYR A 103 -10.05 -10.41 3.65
CA TYR A 103 -10.76 -10.90 2.48
C TYR A 103 -10.92 -12.41 2.56
N ALA A 104 -9.84 -13.09 2.91
CA ALA A 104 -9.87 -14.57 2.96
C ALA A 104 -10.82 -15.08 4.03
N ILE A 105 -10.77 -14.45 5.21
CA ILE A 105 -11.66 -14.84 6.32
C ILE A 105 -13.12 -14.60 5.91
N ASN A 106 -13.37 -13.46 5.29
CA ASN A 106 -14.72 -13.13 4.83
C ASN A 106 -15.23 -14.25 3.89
N GLU A 107 -14.39 -14.66 2.96
CA GLU A 107 -14.76 -15.75 2.05
C GLU A 107 -14.87 -17.10 2.75
N LEU A 108 -13.85 -17.43 3.52
CA LEU A 108 -13.84 -18.71 4.16
C LEU A 108 -15.07 -18.97 5.04
N PHE A 109 -15.48 -17.95 5.79
CA PHE A 109 -16.63 -18.09 6.70
C PHE A 109 -17.91 -17.46 6.20
N LYS A 110 -17.90 -17.12 4.92
CA LYS A 110 -19.05 -16.55 4.26
C LYS A 110 -19.71 -15.41 5.06
N LEU A 111 -18.90 -14.44 5.46
CA LEU A 111 -19.43 -13.32 6.26
C LEU A 111 -20.18 -12.27 5.47
N ASN A 112 -20.06 -12.30 4.14
CA ASN A 112 -20.73 -11.35 3.28
C ASN A 112 -20.54 -9.87 3.66
N LEU A 113 -19.31 -9.54 4.07
CA LEU A 113 -18.99 -8.16 4.44
C LEU A 113 -18.67 -7.33 3.19
N ASP A 114 -19.06 -6.07 3.19
CA ASP A 114 -18.75 -5.26 2.02
C ASP A 114 -17.29 -4.81 2.09
N LYS A 115 -16.81 -4.23 1.01
CA LYS A 115 -15.41 -3.84 0.92
C LYS A 115 -14.99 -2.87 2.00
N LEU A 116 -15.84 -1.89 2.29
CA LEU A 116 -15.50 -0.93 3.33
C LEU A 116 -15.22 -1.63 4.65
N LYS A 117 -16.08 -2.59 5.01
CA LYS A 117 -15.93 -3.32 6.26
C LYS A 117 -14.65 -4.16 6.23
N LEU A 118 -14.31 -4.72 5.07
CA LEU A 118 -13.06 -5.49 5.00
C LEU A 118 -11.87 -4.57 5.23
N VAL A 119 -11.98 -3.34 4.76
CA VAL A 119 -10.86 -2.39 4.94
C VAL A 119 -10.78 -2.04 6.42
N ASP A 120 -11.94 -1.80 7.01
CA ASP A 120 -12.00 -1.49 8.41
C ASP A 120 -11.33 -2.64 9.21
N TYR A 121 -11.73 -3.89 8.98
CA TYR A 121 -11.05 -4.99 9.68
C TYR A 121 -9.55 -5.06 9.39
N ALA A 122 -9.17 -4.88 8.14
CA ALA A 122 -7.74 -4.97 7.83
C ALA A 122 -6.98 -3.88 8.55
N SER A 123 -7.61 -2.72 8.74
CA SER A 123 -6.92 -1.62 9.38
C SER A 123 -6.56 -1.95 10.83
N TYR A 124 -7.18 -2.97 11.42
CA TYR A 124 -6.78 -3.35 12.79
C TYR A 124 -5.39 -3.94 12.74
N GLY A 125 -5.00 -4.45 11.57
CA GLY A 125 -3.67 -5.01 11.39
C GLY A 125 -2.67 -3.89 11.30
N GLU A 126 -3.06 -2.80 10.64
CA GLU A 126 -2.20 -1.66 10.46
C GLU A 126 -2.00 -0.94 11.79
N LEU A 127 -3.01 -1.01 12.66
CA LEU A 127 -2.91 -0.39 13.98
C LEU A 127 -1.69 -0.97 14.63
N ALA A 128 -1.66 -2.31 14.71
CA ALA A 128 -0.55 -3.01 15.35
C ALA A 128 0.83 -2.81 14.71
N SER A 129 0.92 -2.92 13.37
CA SER A 129 2.21 -2.79 12.72
C SER A 129 2.74 -1.37 12.63
N SER A 130 1.86 -0.36 12.69
CA SER A 130 2.34 1.02 12.59
C SER A 130 1.95 1.87 13.81
N GLY A 131 1.14 1.31 14.70
CA GLY A 131 0.74 2.05 15.89
C GLY A 131 -0.38 3.00 15.56
N ALA A 132 -0.88 2.91 14.32
CA ALA A 132 -1.99 3.78 13.87
C ALA A 132 -2.94 3.01 12.97
N LYS A 133 -4.23 3.12 13.26
CA LYS A 133 -5.19 2.42 12.43
C LYS A 133 -5.39 3.12 11.07
N HIS A 134 -4.29 3.37 10.37
CA HIS A 134 -4.39 4.03 9.08
C HIS A 134 -4.93 3.01 8.06
N ALA A 135 -5.74 3.50 7.12
CA ALA A 135 -6.36 2.59 6.15
C ALA A 135 -5.92 2.95 4.76
N ASP A 136 -4.96 3.84 4.61
CA ASP A 136 -4.60 4.24 3.28
C ASP A 136 -3.86 3.19 2.42
N ASN A 137 -3.35 2.12 3.02
CA ASN A 137 -2.77 1.03 2.20
C ASN A 137 -3.82 -0.11 2.15
N VAL A 138 -4.48 -0.40 3.27
CA VAL A 138 -5.46 -1.49 3.15
C VAL A 138 -6.65 -1.14 2.27
N ALA A 139 -7.03 0.14 2.15
CA ALA A 139 -8.16 0.52 1.30
C ALA A 139 -7.89 0.13 -0.16
N PRO A 140 -6.76 0.58 -0.74
CA PRO A 140 -6.51 0.18 -2.14
C PRO A 140 -6.25 -1.31 -2.26
N ALA A 141 -5.69 -1.93 -1.22
CA ALA A 141 -5.44 -3.39 -1.32
C ALA A 141 -6.77 -4.13 -1.54
N ILE A 142 -7.84 -3.64 -0.91
CA ILE A 142 -9.15 -4.26 -1.04
C ILE A 142 -9.91 -3.76 -2.26
N PHE A 143 -9.98 -2.43 -2.43
CA PHE A 143 -10.75 -1.88 -3.54
C PHE A 143 -10.10 -1.96 -4.91
N GLY A 144 -8.77 -2.00 -4.96
CA GLY A 144 -8.07 -1.98 -6.23
C GLY A 144 -8.12 -0.52 -6.70
N GLY A 145 -7.42 -0.20 -7.77
CA GLY A 145 -7.50 1.16 -8.28
C GLY A 145 -6.93 2.21 -7.36
N PHE A 146 -7.57 3.38 -7.35
CA PHE A 146 -7.15 4.53 -6.55
C PHE A 146 -8.19 4.76 -5.48
N THR A 147 -7.76 4.91 -4.23
CA THR A 147 -8.69 5.14 -3.14
C THR A 147 -8.30 6.38 -2.35
N MET A 148 -9.27 6.93 -1.65
CA MET A 148 -9.04 8.06 -0.79
C MET A 148 -9.74 7.76 0.51
N VAL A 149 -8.99 7.77 1.61
CA VAL A 149 -9.56 7.56 2.95
C VAL A 149 -9.93 8.99 3.35
N THR A 150 -11.24 9.27 3.37
CA THR A 150 -11.73 10.62 3.65
C THR A 150 -12.31 10.85 5.03
N ASN A 151 -12.28 9.83 5.87
CA ASN A 151 -12.74 9.97 7.23
C ASN A 151 -12.40 8.75 8.02
N TYR A 152 -12.24 8.92 9.33
CA TYR A 152 -12.02 7.80 10.26
C TYR A 152 -13.08 7.93 11.34
N GLU A 153 -13.37 6.83 12.02
CA GLU A 153 -14.36 6.84 13.10
C GLU A 153 -15.57 7.71 12.75
N PRO A 154 -16.40 7.27 11.77
CA PRO A 154 -16.24 6.03 11.02
C PRO A 154 -15.39 6.17 9.76
N LEU A 155 -14.82 5.05 9.36
CA LEU A 155 -14.00 4.99 8.17
C LEU A 155 -14.85 5.25 6.94
N GLU A 156 -14.34 6.08 6.05
CA GLU A 156 -15.01 6.34 4.80
C GLU A 156 -13.94 6.23 3.74
N VAL A 157 -14.25 5.52 2.65
CA VAL A 157 -13.28 5.33 1.58
C VAL A 157 -13.97 5.62 0.28
N LEU A 158 -13.35 6.45 -0.55
CA LEU A 158 -13.94 6.76 -1.86
C LEU A 158 -13.02 6.10 -2.87
N HIS A 159 -13.62 5.43 -3.85
CA HIS A 159 -12.81 4.68 -4.80
C HIS A 159 -12.98 5.21 -6.20
N ILE A 160 -11.87 5.32 -6.91
CA ILE A 160 -11.89 5.74 -8.29
C ILE A 160 -11.13 4.69 -9.11
N PRO A 161 -11.87 3.94 -9.94
CA PRO A 161 -11.18 2.92 -10.75
C PRO A 161 -10.29 3.64 -11.74
N ILE A 162 -9.20 2.99 -12.13
CA ILE A 162 -8.28 3.57 -13.11
C ILE A 162 -8.55 2.72 -14.35
N ASP A 163 -9.33 3.24 -15.27
CA ASP A 163 -9.65 2.42 -16.42
C ASP A 163 -8.83 2.75 -17.65
N PHE A 164 -7.68 3.36 -17.45
CA PHE A 164 -6.79 3.71 -18.55
C PHE A 164 -5.41 3.14 -18.22
N LYS A 165 -4.52 3.05 -19.21
CA LYS A 165 -3.24 2.45 -18.91
C LYS A 165 -2.34 3.37 -18.10
N LEU A 166 -1.81 2.81 -17.02
CA LEU A 166 -0.92 3.58 -16.17
C LEU A 166 0.26 2.67 -15.79
N ASP A 167 1.33 2.79 -16.55
CA ASP A 167 2.54 2.00 -16.30
C ASP A 167 3.19 2.50 -15.04
N ILE A 168 3.68 1.56 -14.22
CA ILE A 168 4.32 1.90 -12.98
C ILE A 168 5.68 1.23 -12.88
N LEU A 169 6.67 1.95 -12.40
CA LEU A 169 7.95 1.35 -12.17
C LEU A 169 8.18 1.52 -10.67
N ILE A 170 8.68 0.48 -10.03
CA ILE A 170 8.94 0.54 -8.60
C ILE A 170 10.39 0.13 -8.38
N ALA A 171 11.17 0.95 -7.65
CA ALA A 171 12.54 0.61 -7.29
C ALA A 171 12.45 0.27 -5.80
N ILE A 172 12.99 -0.88 -5.42
CA ILE A 172 12.91 -1.33 -4.03
C ILE A 172 14.29 -1.42 -3.40
N PRO A 173 14.71 -0.39 -2.65
CA PRO A 173 16.03 -0.42 -2.02
C PRO A 173 16.09 -1.59 -1.04
N ASN A 174 17.30 -2.09 -0.78
CA ASN A 174 17.40 -3.20 0.16
C ASN A 174 17.24 -2.76 1.61
N ILE A 175 17.35 -1.48 1.88
CA ILE A 175 17.21 -1.02 3.25
C ILE A 175 15.72 -0.98 3.61
N SER A 176 15.41 -0.84 4.89
CA SER A 176 14.00 -0.74 5.25
C SER A 176 13.79 0.56 6.03
N ILE A 177 12.56 1.03 6.09
CA ILE A 177 12.27 2.23 6.83
C ILE A 177 11.05 1.87 7.66
N ASN A 178 11.16 2.13 8.95
CA ASN A 178 10.11 1.84 9.91
C ASN A 178 9.07 2.97 9.81
N THR A 179 7.82 2.64 9.50
CA THR A 179 6.81 3.71 9.35
C THR A 179 6.62 4.63 10.57
N LYS A 180 6.59 4.05 11.77
CA LYS A 180 6.44 4.86 12.99
C LYS A 180 7.52 5.94 13.02
N GLU A 181 8.76 5.55 12.72
CA GLU A 181 9.85 6.52 12.74
C GLU A 181 9.70 7.53 11.64
N ALA A 182 9.30 7.05 10.47
CA ALA A 182 9.14 7.92 9.31
C ALA A 182 8.09 9.00 9.62
N ARG A 183 7.14 8.69 10.50
CA ARG A 183 6.11 9.64 10.89
C ARG A 183 6.59 10.59 12.02
N GLU A 184 7.44 10.09 12.92
CA GLU A 184 7.89 10.95 14.00
C GLU A 184 8.75 12.07 13.48
N ILE A 185 9.50 11.82 12.41
CA ILE A 185 10.35 12.89 11.89
C ILE A 185 9.59 13.95 11.12
N LEU A 186 8.29 13.76 10.95
CA LEU A 186 7.48 14.75 10.23
C LEU A 186 7.18 15.99 11.08
N PRO A 187 6.99 17.14 10.43
CA PRO A 187 6.68 18.41 11.11
C PRO A 187 5.41 18.19 11.95
N LYS A 188 5.28 18.82 13.11
CA LYS A 188 4.06 18.61 13.92
C LYS A 188 3.00 19.58 13.40
N ALA A 189 3.44 20.57 12.67
CA ALA A 189 2.52 21.54 12.15
C ALA A 189 3.00 22.03 10.81
N VAL A 190 2.07 22.46 9.97
CA VAL A 190 2.43 22.97 8.66
C VAL A 190 1.84 24.33 8.49
N GLY A 191 2.48 25.15 7.69
CA GLY A 191 2.00 26.48 7.46
C GLY A 191 0.71 26.48 6.64
N LEU A 192 -0.11 27.50 6.89
CA LEU A 192 -1.37 27.65 6.18
C LEU A 192 -1.11 27.48 4.70
N LYS A 193 0.00 28.01 4.23
CA LYS A 193 0.33 27.93 2.81
C LYS A 193 0.50 26.51 2.27
N ASP A 194 1.00 25.60 3.11
CA ASP A 194 1.21 24.21 2.69
C ASP A 194 -0.16 23.55 2.69
N LEU A 195 -0.99 23.94 3.65
CA LEU A 195 -2.36 23.40 3.74
C LEU A 195 -3.04 23.71 2.42
N VAL A 196 -2.97 24.96 2.02
CA VAL A 196 -3.58 25.38 0.78
C VAL A 196 -2.97 24.70 -0.45
N ASN A 197 -1.64 24.60 -0.47
CA ASN A 197 -1.01 23.94 -1.61
C ASN A 197 -1.45 22.48 -1.72
N ASN A 198 -1.34 21.75 -0.62
CA ASN A 198 -1.63 20.33 -0.68
C ASN A 198 -3.09 20.04 -0.94
N VAL A 199 -3.97 20.85 -0.38
CA VAL A 199 -5.41 20.66 -0.66
C VAL A 199 -5.66 20.89 -2.15
N GLY A 200 -5.13 21.99 -2.68
CA GLY A 200 -5.37 22.29 -4.09
C GLY A 200 -4.77 21.23 -5.02
N LYS A 201 -3.54 20.81 -4.75
CA LYS A 201 -2.85 19.84 -5.59
C LYS A 201 -3.49 18.46 -5.51
N ALA A 202 -3.92 18.07 -4.31
CA ALA A 202 -4.56 16.77 -4.16
C ALA A 202 -5.90 16.82 -4.90
N CYS A 203 -6.66 17.91 -4.74
CA CYS A 203 -7.93 17.98 -5.47
C CYS A 203 -7.66 17.96 -6.97
N GLY A 204 -6.56 18.59 -7.39
CA GLY A 204 -6.21 18.60 -8.82
C GLY A 204 -5.91 17.18 -9.29
N MET A 205 -5.31 16.35 -8.42
CA MET A 205 -5.02 14.98 -8.81
C MET A 205 -6.34 14.21 -9.01
N VAL A 206 -7.34 14.50 -8.19
CA VAL A 206 -8.62 13.79 -8.35
C VAL A 206 -9.21 14.23 -9.70
N TYR A 207 -9.18 15.53 -9.96
CA TYR A 207 -9.68 16.06 -11.24
C TYR A 207 -8.89 15.38 -12.37
N ALA A 208 -7.57 15.24 -12.17
CA ALA A 208 -6.75 14.63 -13.22
C ALA A 208 -7.17 13.18 -13.53
N LEU A 209 -7.50 12.40 -12.51
CA LEU A 209 -7.91 11.02 -12.78
C LEU A 209 -9.20 11.01 -13.56
N TYR A 210 -10.17 11.84 -13.19
CA TYR A 210 -11.43 11.85 -13.91
C TYR A 210 -11.26 12.33 -15.35
N ASN A 211 -10.20 13.10 -15.58
CA ASN A 211 -9.91 13.61 -16.90
C ASN A 211 -8.80 12.80 -17.58
N LYS A 212 -8.42 11.67 -16.96
CA LYS A 212 -7.37 10.80 -17.49
C LYS A 212 -6.14 11.55 -17.88
N ASP A 213 -5.74 12.51 -17.08
CA ASP A 213 -4.59 13.33 -17.39
C ASP A 213 -3.39 12.90 -16.54
N LYS A 214 -2.56 12.01 -17.08
CA LYS A 214 -1.40 11.51 -16.36
C LYS A 214 -0.39 12.57 -16.06
N SER A 215 -0.22 13.49 -17.01
N SER A 215 -0.22 13.49 -17.01
CA SER A 215 0.73 14.57 -16.84
CA SER A 215 0.74 14.57 -16.81
C SER A 215 0.35 15.43 -15.65
C SER A 215 0.36 15.43 -15.63
N LEU A 216 -0.91 15.82 -15.56
CA LEU A 216 -1.37 16.67 -14.47
C LEU A 216 -1.25 15.89 -13.15
N PHE A 217 -1.71 14.64 -13.18
CA PHE A 217 -1.68 13.79 -11.99
C PHE A 217 -0.27 13.69 -11.45
N GLY A 218 0.67 13.32 -12.31
CA GLY A 218 2.06 13.15 -11.90
C GLY A 218 2.72 14.45 -11.45
N ARG A 219 2.42 15.54 -12.13
CA ARG A 219 3.07 16.80 -11.76
C ARG A 219 2.58 17.29 -10.39
N TYR A 220 1.28 17.20 -10.14
CA TYR A 220 0.76 17.64 -8.85
C TYR A 220 1.25 16.72 -7.74
N MET A 221 1.35 15.44 -8.06
CA MET A 221 1.83 14.45 -7.10
C MET A 221 3.21 14.86 -6.57
N MET A 222 4.02 15.52 -7.41
CA MET A 222 5.37 15.92 -6.99
C MET A 222 5.46 17.28 -6.32
N SER A 223 4.32 17.86 -5.97
N SER A 223 4.32 17.84 -5.95
CA SER A 223 4.34 19.20 -5.37
CA SER A 223 4.30 19.16 -5.36
C SER A 223 4.31 19.27 -3.83
C SER A 223 4.28 19.26 -3.84
N ASP A 224 4.43 18.14 -3.15
CA ASP A 224 4.42 18.18 -1.71
C ASP A 224 5.74 18.72 -1.18
N LYS A 225 5.68 19.68 -0.28
CA LYS A 225 6.90 20.22 0.30
C LYS A 225 6.94 19.93 1.80
N VAL A 226 5.95 19.19 2.28
CA VAL A 226 5.86 18.89 3.68
C VAL A 226 6.40 17.54 4.12
N ILE A 227 5.99 16.49 3.43
CA ILE A 227 6.42 15.16 3.84
C ILE A 227 7.51 14.55 2.95
N GLU A 228 7.30 14.59 1.64
CA GLU A 228 8.25 13.99 0.71
C GLU A 228 9.69 14.54 0.83
N PRO A 229 9.86 15.86 1.00
CA PRO A 229 11.27 16.28 1.10
C PRO A 229 11.95 15.72 2.33
N VAL A 230 11.17 15.41 3.35
CA VAL A 230 11.72 14.87 4.59
C VAL A 230 12.11 13.41 4.49
N ARG A 231 11.14 12.55 4.13
CA ARG A 231 11.40 11.14 3.97
C ARG A 231 12.40 10.91 2.84
N GLY A 232 12.40 11.77 1.82
CA GLY A 232 13.33 11.56 0.72
C GLY A 232 14.80 11.52 1.14
N LYS A 233 15.15 12.25 2.19
CA LYS A 233 16.54 12.25 2.69
C LYS A 233 16.95 10.93 3.33
N LEU A 234 16.00 10.01 3.50
CA LEU A 234 16.34 8.68 4.09
C LEU A 234 16.67 7.69 2.99
N ILE A 235 16.43 8.07 1.75
CA ILE A 235 16.58 7.12 0.65
C ILE A 235 17.78 7.43 -0.22
N PRO A 236 18.80 6.56 -0.17
CA PRO A 236 20.00 6.80 -0.98
C PRO A 236 19.71 7.07 -2.43
N ASN A 237 20.29 8.15 -2.94
CA ASN A 237 20.17 8.53 -4.34
C ASN A 237 18.79 8.92 -4.81
N TYR A 238 17.84 9.00 -3.89
CA TYR A 238 16.47 9.35 -4.31
C TYR A 238 16.39 10.68 -5.07
N PHE A 239 17.00 11.74 -4.58
CA PHE A 239 16.86 13.01 -5.27
C PHE A 239 17.63 12.97 -6.59
N LYS A 240 18.76 12.26 -6.62
CA LYS A 240 19.51 12.14 -7.84
C LYS A 240 18.67 11.38 -8.89
N ILE A 241 17.98 10.33 -8.46
CA ILE A 241 17.13 9.57 -9.39
C ILE A 241 16.02 10.48 -9.96
N LYS A 242 15.37 11.26 -9.09
CA LYS A 242 14.31 12.16 -9.56
C LYS A 242 14.83 13.08 -10.67
N GLU A 243 16.02 13.61 -10.47
CA GLU A 243 16.54 14.52 -11.49
C GLU A 243 16.90 13.79 -12.77
N GLU A 244 17.46 12.60 -12.62
CA GLU A 244 17.86 11.84 -13.78
C GLU A 244 16.69 11.38 -14.66
N VAL A 245 15.52 11.14 -14.08
CA VAL A 245 14.37 10.70 -14.89
C VAL A 245 13.38 11.83 -15.14
N LYS A 246 13.76 13.04 -14.71
CA LYS A 246 12.95 14.24 -14.79
C LYS A 246 11.96 14.40 -15.95
N ASP A 247 12.42 14.34 -17.19
CA ASP A 247 11.44 14.55 -18.24
C ASP A 247 10.96 13.28 -18.87
N LYS A 248 11.33 12.16 -18.27
CA LYS A 248 10.93 10.90 -18.83
C LYS A 248 9.80 10.22 -18.08
N VAL A 249 9.29 10.88 -17.05
CA VAL A 249 8.18 10.34 -16.26
C VAL A 249 7.09 11.39 -16.07
N TYR A 250 5.85 10.94 -15.87
CA TYR A 250 4.78 11.88 -15.58
C TYR A 250 5.01 12.34 -14.14
N GLY A 251 5.56 11.45 -13.32
CA GLY A 251 5.84 11.85 -11.97
C GLY A 251 6.58 10.73 -11.27
N ILE A 252 7.24 11.05 -10.16
CA ILE A 252 7.95 10.04 -9.41
C ILE A 252 7.93 10.53 -7.99
N THR A 253 7.71 9.62 -7.05
CA THR A 253 7.69 10.04 -5.67
C THR A 253 7.99 8.86 -4.78
N ILE A 254 7.91 9.07 -3.48
CA ILE A 254 8.17 7.99 -2.53
C ILE A 254 6.92 7.17 -2.40
N SER A 255 7.06 5.84 -2.41
CA SER A 255 5.89 4.99 -2.20
C SER A 255 5.69 4.88 -0.68
N GLY A 256 4.49 5.22 -0.19
CA GLY A 256 4.26 5.13 1.24
C GLY A 256 5.29 5.85 2.07
N SER A 257 5.79 5.22 3.13
CA SER A 257 6.80 5.87 3.97
C SER A 257 8.22 5.52 3.48
N GLY A 258 8.31 4.94 2.30
CA GLY A 258 9.62 4.64 1.73
C GLY A 258 10.20 3.30 2.20
N PRO A 259 11.40 2.91 1.73
CA PRO A 259 12.23 3.66 0.81
C PRO A 259 11.91 3.39 -0.61
N SER A 260 10.92 2.52 -0.88
CA SER A 260 10.64 2.26 -2.29
C SER A 260 10.17 3.53 -3.00
N ILE A 261 10.48 3.57 -4.29
CA ILE A 261 10.21 4.73 -5.13
C ILE A 261 9.23 4.34 -6.20
N ILE A 262 8.20 5.15 -6.38
CA ILE A 262 7.22 4.83 -7.41
C ILE A 262 7.27 5.89 -8.51
N ALA A 263 7.41 5.42 -9.73
CA ALA A 263 7.48 6.29 -10.89
C ALA A 263 6.43 5.90 -11.93
N PHE A 264 5.92 6.89 -12.64
CA PHE A 264 4.95 6.66 -13.69
C PHE A 264 5.69 7.11 -14.95
N PRO A 265 6.39 6.18 -15.62
CA PRO A 265 7.13 6.56 -16.82
C PRO A 265 6.29 6.92 -18.06
N LYS A 266 6.80 7.84 -18.85
CA LYS A 266 6.13 8.18 -20.08
C LYS A 266 6.34 6.95 -20.97
N GLU A 267 5.37 6.65 -21.82
CA GLU A 267 5.43 5.47 -22.65
C GLU A 267 6.70 5.42 -23.49
N GLU A 268 7.15 6.58 -23.93
CA GLU A 268 8.32 6.65 -24.78
C GLU A 268 9.64 6.29 -24.08
N PHE A 269 9.70 6.51 -22.77
CA PHE A 269 10.93 6.26 -22.06
C PHE A 269 10.89 5.14 -21.05
N ILE A 270 9.88 4.28 -21.11
CA ILE A 270 9.78 3.25 -20.09
C ILE A 270 11.01 2.37 -19.91
N ASP A 271 11.59 1.84 -21.00
CA ASP A 271 12.77 0.97 -20.82
C ASP A 271 13.92 1.74 -20.26
N GLU A 272 14.07 2.95 -20.75
CA GLU A 272 15.16 3.77 -20.31
C GLU A 272 14.96 4.11 -18.84
N VAL A 273 13.74 4.48 -18.46
CA VAL A 273 13.55 4.81 -17.04
C VAL A 273 13.77 3.58 -16.17
N GLU A 274 13.33 2.42 -16.66
CA GLU A 274 13.53 1.22 -15.88
C GLU A 274 15.04 0.95 -15.72
N ASN A 275 15.80 1.11 -16.81
CA ASN A 275 17.25 0.86 -16.73
C ASN A 275 17.92 1.83 -15.77
N ILE A 276 17.45 3.07 -15.72
CA ILE A 276 18.04 4.03 -14.80
C ILE A 276 17.77 3.64 -13.36
N LEU A 277 16.53 3.27 -13.07
CA LEU A 277 16.20 2.86 -11.71
C LEU A 277 17.00 1.62 -11.33
N ARG A 278 17.09 0.67 -12.26
CA ARG A 278 17.80 -0.57 -11.97
C ARG A 278 19.29 -0.36 -11.74
N ASP A 279 19.88 0.65 -12.37
CA ASP A 279 21.31 0.96 -12.15
C ASP A 279 21.53 1.37 -10.71
N TYR A 280 20.53 1.98 -10.09
CA TYR A 280 20.66 2.38 -8.69
C TYR A 280 20.16 1.31 -7.76
N TYR A 281 19.10 0.61 -8.17
CA TYR A 281 18.49 -0.41 -7.33
C TYR A 281 18.18 -1.64 -8.14
N GLU A 282 18.98 -2.69 -7.96
CA GLU A 282 18.79 -3.89 -8.75
C GLU A 282 17.37 -4.42 -8.72
N ASN A 283 16.70 -4.29 -7.58
CA ASN A 283 15.34 -4.78 -7.43
C ASN A 283 14.35 -3.74 -7.93
N THR A 284 14.18 -3.67 -9.24
CA THR A 284 13.26 -2.72 -9.84
C THR A 284 12.25 -3.55 -10.60
N ILE A 285 10.97 -3.20 -10.48
CA ILE A 285 9.96 -3.96 -11.18
C ILE A 285 9.02 -3.06 -11.98
N ARG A 286 8.47 -3.62 -13.06
CA ARG A 286 7.54 -2.88 -13.89
C ARG A 286 6.19 -3.48 -13.59
N THR A 287 5.21 -2.64 -13.25
CA THR A 287 3.88 -3.16 -12.96
C THR A 287 2.81 -2.15 -13.44
N GLU A 288 1.57 -2.30 -12.96
CA GLU A 288 0.49 -1.41 -13.38
C GLU A 288 -0.48 -1.38 -12.23
N VAL A 289 -1.60 -0.67 -12.37
CA VAL A 289 -2.58 -0.57 -11.28
C VAL A 289 -3.30 -1.89 -11.12
N GLY A 290 -3.41 -2.37 -9.88
CA GLY A 290 -4.03 -3.65 -9.62
C GLY A 290 -5.49 -3.53 -9.27
N LYS A 291 -6.14 -4.69 -9.13
CA LYS A 291 -7.55 -4.73 -8.86
C LYS A 291 -7.87 -5.18 -7.44
N GLY A 292 -6.87 -5.29 -6.59
CA GLY A 292 -7.17 -5.64 -5.22
C GLY A 292 -7.08 -7.12 -4.94
N VAL A 293 -7.28 -7.49 -3.68
CA VAL A 293 -7.22 -8.89 -3.31
C VAL A 293 -8.18 -9.72 -4.14
N GLU A 294 -7.70 -10.87 -4.60
CA GLU A 294 -8.56 -11.78 -5.33
C GLU A 294 -8.09 -13.19 -5.06
N VAL A 295 -8.96 -14.15 -5.28
CA VAL A 295 -8.60 -15.54 -5.07
C VAL A 295 -7.58 -16.01 -6.12
N VAL A 296 -6.64 -16.85 -5.71
N VAL A 296 -6.64 -16.87 -5.73
CA VAL A 296 -5.63 -17.38 -6.65
CA VAL A 296 -5.67 -17.43 -6.70
C VAL A 296 -5.37 -18.86 -6.34
C VAL A 296 -5.37 -18.88 -6.34
#